data_1AL8
#
_entry.id   1AL8
#
_cell.length_a   95.400
_cell.length_b   95.400
_cell.length_c   93.500
_cell.angle_alpha   90.00
_cell.angle_beta   90.00
_cell.angle_gamma   90.00
#
_symmetry.space_group_name_H-M   'I 4'
#
loop_
_entity.id
_entity.type
_entity.pdbx_description
1 polymer 'GLYCOLATE OXIDASE'
2 non-polymer 'FLAVIN MONONUCLEOTIDE'
3 non-polymer 3-DECYL-2,5-DIOXO-4-HYDROXY-3-PYRROLINE
4 water water
#
_entity_poly.entity_id   1
_entity_poly.type   'polypeptide(L)'
_entity_poly.pdbx_seq_one_letter_code
;MEITNVNEYEAIAKQKLPKMVYDYYASGAEDQWTLAENRNAFSRILFRPRILIDVTNIDMTTTILGFKISMPIMIAPTAM
QKMAHPEGEYATARAASAAGTIMTLSSWATSSVEEVASTGPGIRFFQLYVYKDRNVVAQLVRRAERAGFKAIALTVDTPR
LGRREADIKNRFVLPPFLTLKNFEGIDLGKMDKANDSGLSSYVAGQIDRSLSWKDVAWLQTITSLPILVKGVITAEDARL
AVQHGAAGIIVSNHGARQLDYVPATIMALEEVVKAAQGRIPVFLDGGVRRGTDVFKALALGAAGVFIGRPVVFSLAAEGE
AGVKKVLQMMRDEFELTMALSGCRSLKEISRSHIAADWD
;
_entity_poly.pdbx_strand_id   A
#
# COMPACT_ATOMS: atom_id res chain seq x y z
N MET A 1 -13.68 -10.27 21.17
CA MET A 1 -13.99 -11.68 20.81
C MET A 1 -14.26 -11.85 19.32
N GLU A 2 -15.24 -11.12 18.80
CA GLU A 2 -15.59 -11.19 17.38
C GLU A 2 -15.14 -9.93 16.64
N ILE A 3 -14.59 -10.12 15.45
CA ILE A 3 -14.11 -9.00 14.64
C ILE A 3 -15.17 -8.61 13.63
N THR A 4 -15.82 -7.49 13.89
CA THR A 4 -16.84 -6.96 12.99
C THR A 4 -16.22 -5.99 11.98
N ASN A 5 -15.04 -5.45 12.31
CA ASN A 5 -14.37 -4.53 11.42
C ASN A 5 -12.86 -4.58 11.60
N VAL A 6 -12.18 -4.04 10.60
CA VAL A 6 -10.72 -4.01 10.52
C VAL A 6 -9.95 -3.47 11.71
N ASN A 7 -10.40 -2.37 12.28
CA ASN A 7 -9.70 -1.76 13.40
C ASN A 7 -9.62 -2.62 14.63
N GLU A 8 -10.50 -3.61 14.72
CA GLU A 8 -10.52 -4.49 15.87
C GLU A 8 -9.32 -5.44 15.90
N TYR A 9 -8.80 -5.79 14.73
CA TYR A 9 -7.64 -6.66 14.63
C TYR A 9 -6.46 -6.04 15.37
N GLU A 10 -6.45 -4.72 15.42
CA GLU A 10 -5.40 -3.99 16.09
C GLU A 10 -5.34 -4.30 17.59
N ALA A 11 -6.51 -4.38 18.22
CA ALA A 11 -6.58 -4.67 19.64
C ALA A 11 -6.12 -6.09 19.91
N ILE A 12 -6.54 -7.01 19.06
CA ILE A 12 -6.16 -8.41 19.19
C ILE A 12 -4.67 -8.59 18.94
N ALA A 13 -4.14 -7.91 17.93
CA ALA A 13 -2.72 -8.01 17.64
C ALA A 13 -1.92 -7.45 18.83
N LYS A 14 -2.41 -6.35 19.40
CA LYS A 14 -1.78 -5.69 20.53
C LYS A 14 -1.71 -6.62 21.74
N GLN A 15 -2.74 -7.45 21.90
CA GLN A 15 -2.80 -8.40 23.00
C GLN A 15 -1.73 -9.47 22.89
N LYS A 16 -1.59 -10.05 21.70
CA LYS A 16 -0.61 -11.13 21.49
C LYS A 16 0.82 -10.80 21.07
N LEU A 17 1.08 -9.58 20.62
CA LEU A 17 2.42 -9.19 20.20
C LEU A 17 3.21 -8.54 21.30
N PRO A 18 4.53 -8.72 21.29
CA PRO A 18 5.39 -8.09 22.30
C PRO A 18 5.20 -6.58 22.13
N LYS A 19 5.23 -5.85 23.24
CA LYS A 19 5.04 -4.40 23.22
C LYS A 19 5.92 -3.70 22.18
N MET A 20 7.20 -4.00 22.18
CA MET A 20 8.11 -3.38 21.24
C MET A 20 7.70 -3.56 19.78
N VAL A 21 7.20 -4.74 19.45
CA VAL A 21 6.79 -5.03 18.10
C VAL A 21 5.50 -4.29 17.76
N TYR A 22 4.50 -4.35 18.63
CA TYR A 22 3.26 -3.64 18.35
C TYR A 22 3.49 -2.13 18.20
N ASP A 23 4.25 -1.55 19.12
CA ASP A 23 4.56 -0.12 19.09
C ASP A 23 5.25 0.28 17.81
N TYR A 24 6.15 -0.58 17.33
CA TYR A 24 6.89 -0.35 16.11
C TYR A 24 5.91 -0.32 14.92
N TYR A 25 4.97 -1.25 14.92
CA TYR A 25 3.98 -1.34 13.85
C TYR A 25 3.04 -0.14 13.75
N ALA A 26 2.46 0.21 14.89
CA ALA A 26 1.48 1.28 15.00
C ALA A 26 1.97 2.71 14.97
N SER A 27 3.24 2.88 15.34
CA SER A 27 3.89 4.17 15.43
C SER A 27 3.94 5.06 14.19
N GLY A 28 3.92 6.37 14.43
CA GLY A 28 4.03 7.36 13.38
C GLY A 28 5.35 8.08 13.65
N ALA A 29 5.53 9.27 13.13
CA ALA A 29 6.75 10.01 13.36
C ALA A 29 6.54 11.11 14.40
N GLU A 30 7.55 11.35 15.22
CA GLU A 30 7.51 12.40 16.25
C GLU A 30 6.22 12.43 17.08
N ASP A 31 5.50 13.54 17.04
CA ASP A 31 4.25 13.74 17.79
C ASP A 31 3.13 12.84 17.29
N GLN A 32 3.33 12.22 16.14
CA GLN A 32 2.32 11.33 15.56
C GLN A 32 1.04 12.07 15.20
N TRP A 33 1.18 13.36 14.89
CA TRP A 33 0.06 14.18 14.49
C TRP A 33 -0.54 13.69 13.16
N THR A 34 0.32 13.39 12.19
CA THR A 34 -0.14 12.92 10.89
C THR A 34 -0.71 11.51 10.96
N LEU A 35 -0.20 10.69 11.88
CA LEU A 35 -0.70 9.33 12.04
C LEU A 35 -2.20 9.42 12.32
N ALA A 36 -2.57 10.28 13.25
CA ALA A 36 -3.97 10.48 13.59
C ALA A 36 -4.73 11.09 12.42
N GLU A 37 -4.14 12.11 11.79
CA GLU A 37 -4.76 12.78 10.64
C GLU A 37 -5.13 11.87 9.49
N ASN A 38 -4.24 10.93 9.17
CA ASN A 38 -4.47 9.98 8.08
C ASN A 38 -5.80 9.28 8.30
N ARG A 39 -6.21 9.16 9.56
CA ARG A 39 -7.48 8.53 9.91
C ARG A 39 -8.58 9.58 10.08
N ASN A 40 -8.33 10.59 10.91
CA ASN A 40 -9.30 11.64 11.19
C ASN A 40 -9.86 12.37 9.97
N ALA A 41 -8.99 12.67 9.01
CA ALA A 41 -9.39 13.42 7.83
C ALA A 41 -10.52 12.76 7.03
N PHE A 42 -10.59 11.43 7.04
CA PHE A 42 -11.66 10.73 6.32
C PHE A 42 -13.04 11.06 6.91
N SER A 43 -13.07 11.41 8.19
CA SER A 43 -14.32 11.74 8.88
C SER A 43 -14.79 13.18 8.69
N ARG A 44 -13.97 13.99 8.02
CA ARG A 44 -14.35 15.38 7.76
C ARG A 44 -14.92 15.52 6.35
N ILE A 45 -15.18 14.38 5.71
CA ILE A 45 -15.75 14.33 4.37
C ILE A 45 -17.13 13.67 4.50
N LEU A 46 -18.17 14.37 4.06
CA LEU A 46 -19.53 13.85 4.16
C LEU A 46 -20.04 13.25 2.86
N PHE A 47 -21.07 12.44 2.95
CA PHE A 47 -21.66 11.82 1.78
C PHE A 47 -22.82 12.66 1.31
N ARG A 48 -23.09 12.57 0.01
CA ARG A 48 -24.22 13.26 -0.62
C ARG A 48 -24.88 12.16 -1.44
N PRO A 49 -25.64 11.27 -0.76
CA PRO A 49 -26.34 10.15 -1.40
C PRO A 49 -27.41 10.56 -2.41
N ARG A 50 -27.56 9.74 -3.43
CA ARG A 50 -28.55 9.95 -4.46
C ARG A 50 -29.61 8.87 -4.25
N ILE A 51 -30.86 9.25 -4.45
CA ILE A 51 -31.97 8.33 -4.27
C ILE A 51 -32.65 7.90 -5.56
N LEU A 52 -33.58 6.94 -5.44
CA LEU A 52 -34.34 6.40 -6.56
C LEU A 52 -33.49 5.91 -7.71
N ILE A 53 -32.45 5.17 -7.35
CA ILE A 53 -31.50 4.58 -8.29
C ILE A 53 -31.55 3.07 -8.06
N ASP A 54 -31.62 2.30 -9.13
CA ASP A 54 -31.66 0.85 -9.02
C ASP A 54 -30.29 0.36 -8.59
N VAL A 55 -30.14 -0.01 -7.32
CA VAL A 55 -28.87 -0.49 -6.80
C VAL A 55 -28.86 -1.99 -6.54
N THR A 56 -29.65 -2.70 -7.33
CA THR A 56 -29.78 -4.14 -7.24
C THR A 56 -28.49 -4.88 -7.63
N ASN A 57 -27.77 -4.35 -8.61
CA ASN A 57 -26.53 -4.98 -9.06
C ASN A 57 -25.36 -4.02 -8.93
N ILE A 58 -24.47 -4.31 -7.98
CA ILE A 58 -23.29 -3.47 -7.76
C ILE A 58 -22.08 -4.17 -8.37
N ASP A 59 -21.24 -3.40 -9.05
CA ASP A 59 -20.03 -3.92 -9.68
C ASP A 59 -18.84 -3.08 -9.25
N MET A 60 -17.89 -3.70 -8.56
CA MET A 60 -16.72 -2.98 -8.08
C MET A 60 -15.40 -3.48 -8.67
N THR A 61 -15.48 -4.28 -9.72
CA THR A 61 -14.28 -4.78 -10.37
C THR A 61 -13.63 -3.60 -11.07
N THR A 62 -12.33 -3.68 -11.32
CA THR A 62 -11.63 -2.59 -11.99
C THR A 62 -10.40 -3.08 -12.72
N THR A 63 -9.80 -2.19 -13.50
CA THR A 63 -8.60 -2.54 -14.24
C THR A 63 -7.46 -1.63 -13.77
N ILE A 64 -6.44 -2.25 -13.19
CA ILE A 64 -5.29 -1.52 -12.70
C ILE A 64 -4.14 -1.91 -13.60
N LEU A 65 -3.57 -0.93 -14.30
CA LEU A 65 -2.47 -1.13 -15.22
C LEU A 65 -2.75 -2.25 -16.22
N GLY A 66 -4.01 -2.32 -16.67
CA GLY A 66 -4.38 -3.33 -17.63
C GLY A 66 -4.88 -4.62 -17.00
N PHE A 67 -4.54 -4.85 -15.74
CA PHE A 67 -4.98 -6.05 -15.04
C PHE A 67 -6.34 -5.88 -14.39
N LYS A 68 -7.26 -6.78 -14.69
CA LYS A 68 -8.60 -6.73 -14.14
C LYS A 68 -8.60 -7.39 -12.76
N ILE A 69 -9.08 -6.66 -11.76
CA ILE A 69 -9.15 -7.15 -10.40
C ILE A 69 -10.57 -7.02 -9.87
N SER A 70 -10.88 -7.71 -8.79
CA SER A 70 -12.22 -7.72 -8.19
C SER A 70 -12.69 -6.51 -7.42
N MET A 71 -11.76 -5.71 -6.92
CA MET A 71 -12.09 -4.54 -6.12
C MET A 71 -10.89 -3.60 -6.12
N PRO A 72 -11.11 -2.30 -5.91
CA PRO A 72 -10.02 -1.30 -5.89
C PRO A 72 -9.22 -1.22 -4.60
N ILE A 73 -9.19 -2.32 -3.84
CA ILE A 73 -8.48 -2.38 -2.57
C ILE A 73 -7.33 -3.38 -2.66
N MET A 74 -6.09 -2.89 -2.57
CA MET A 74 -4.89 -3.71 -2.70
C MET A 74 -4.01 -3.72 -1.42
N ILE A 75 -2.95 -4.53 -1.42
CA ILE A 75 -2.05 -4.63 -0.27
C ILE A 75 -0.75 -3.85 -0.47
N ALA A 76 -0.47 -2.93 0.46
CA ALA A 76 0.75 -2.12 0.43
C ALA A 76 1.91 -2.96 0.95
N PRO A 77 3.16 -2.55 0.62
CA PRO A 77 4.33 -3.31 1.09
C PRO A 77 4.72 -3.02 2.54
N THR A 78 4.72 -4.05 3.37
CA THR A 78 5.14 -3.92 4.76
C THR A 78 6.23 -4.96 4.92
N ALA A 79 7.40 -4.51 5.36
CA ALA A 79 8.57 -5.37 5.52
C ALA A 79 8.50 -6.50 6.53
N MET A 80 9.25 -7.57 6.24
CA MET A 80 9.38 -8.74 7.10
C MET A 80 8.11 -9.25 7.77
N GLN A 81 7.13 -9.65 6.97
CA GLN A 81 5.87 -10.14 7.51
C GLN A 81 5.95 -11.43 8.34
N LYS A 82 7.01 -12.22 8.18
CA LYS A 82 7.13 -13.43 8.98
C LYS A 82 7.32 -13.13 10.47
N MET A 83 7.63 -11.89 10.79
CA MET A 83 7.79 -11.48 12.17
C MET A 83 6.40 -11.32 12.83
N ALA A 84 5.37 -11.14 12.00
CA ALA A 84 4.00 -10.99 12.50
C ALA A 84 3.32 -12.35 12.57
N HIS A 85 3.72 -13.23 11.67
CA HIS A 85 3.15 -14.57 11.61
C HIS A 85 4.14 -15.39 10.79
N PRO A 86 4.48 -16.61 11.24
CA PRO A 86 5.42 -17.50 10.56
C PRO A 86 5.14 -17.67 9.06
N GLU A 87 3.87 -17.68 8.68
CA GLU A 87 3.47 -17.79 7.28
C GLU A 87 3.91 -16.55 6.50
N GLY A 88 3.85 -15.41 7.18
CA GLY A 88 4.26 -14.14 6.59
C GLY A 88 3.72 -13.80 5.22
N GLU A 89 4.64 -13.61 4.27
CA GLU A 89 4.28 -13.26 2.90
C GLU A 89 3.51 -14.34 2.16
N TYR A 90 3.66 -15.58 2.60
CA TYR A 90 2.96 -16.70 2.00
C TYR A 90 1.48 -16.55 2.26
N ALA A 91 1.14 -16.27 3.51
CA ALA A 91 -0.25 -16.08 3.90
C ALA A 91 -0.85 -14.93 3.10
N THR A 92 -0.15 -13.80 3.09
CA THR A 92 -0.58 -12.59 2.39
C THR A 92 -0.79 -12.79 0.89
N ALA A 93 0.16 -13.46 0.25
CA ALA A 93 0.08 -13.72 -1.18
C ALA A 93 -1.15 -14.57 -1.49
N ARG A 94 -1.38 -15.59 -0.66
CA ARG A 94 -2.51 -16.46 -0.87
C ARG A 94 -3.86 -15.79 -0.61
N ALA A 95 -3.94 -14.95 0.42
CA ALA A 95 -5.18 -14.24 0.72
C ALA A 95 -5.50 -13.26 -0.42
N ALA A 96 -4.46 -12.58 -0.92
CA ALA A 96 -4.60 -11.60 -2.00
C ALA A 96 -5.08 -12.22 -3.30
N SER A 97 -4.49 -13.36 -3.66
CA SER A 97 -4.87 -14.09 -4.89
C SER A 97 -6.30 -14.59 -4.76
N ALA A 98 -6.63 -15.12 -3.58
CA ALA A 98 -7.97 -15.63 -3.30
C ALA A 98 -8.99 -14.51 -3.43
N ALA A 99 -8.66 -13.33 -2.92
CA ALA A 99 -9.55 -12.18 -2.99
C ALA A 99 -9.60 -11.52 -4.37
N GLY A 100 -8.74 -11.98 -5.28
CA GLY A 100 -8.70 -11.44 -6.62
C GLY A 100 -8.14 -10.04 -6.71
N THR A 101 -7.24 -9.70 -5.80
CA THR A 101 -6.66 -8.36 -5.80
C THR A 101 -5.13 -8.44 -5.88
N ILE A 102 -4.49 -7.28 -5.79
CA ILE A 102 -3.04 -7.17 -5.91
C ILE A 102 -2.32 -7.02 -4.58
N MET A 103 -1.13 -7.61 -4.51
CA MET A 103 -0.30 -7.56 -3.33
C MET A 103 1.04 -6.99 -3.75
N THR A 104 1.55 -6.03 -2.98
CA THR A 104 2.85 -5.45 -3.29
C THR A 104 3.86 -6.08 -2.32
N LEU A 105 4.94 -6.61 -2.87
CA LEU A 105 5.98 -7.25 -2.08
C LEU A 105 7.10 -6.29 -1.73
N SER A 106 7.39 -6.18 -0.44
CA SER A 106 8.44 -5.30 0.05
C SER A 106 9.82 -5.78 -0.35
N SER A 107 10.79 -4.85 -0.42
CA SER A 107 12.16 -5.23 -0.72
C SER A 107 12.72 -5.92 0.53
N TRP A 108 12.32 -5.43 1.71
CA TRP A 108 12.75 -5.99 2.99
C TRP A 108 11.84 -7.16 3.38
N ALA A 109 11.40 -7.97 2.42
CA ALA A 109 10.54 -9.10 2.74
C ALA A 109 11.30 -10.31 3.28
N THR A 110 10.61 -11.13 4.08
CA THR A 110 11.18 -12.34 4.66
C THR A 110 10.92 -13.54 3.76
N SER A 111 10.50 -13.25 2.53
CA SER A 111 10.21 -14.27 1.52
C SER A 111 10.62 -13.62 0.20
N SER A 112 11.31 -14.38 -0.65
CA SER A 112 11.79 -13.87 -1.93
C SER A 112 10.68 -13.82 -2.95
N VAL A 113 10.92 -13.05 -4.02
CA VAL A 113 9.96 -12.92 -5.09
C VAL A 113 9.52 -14.29 -5.58
N GLU A 114 10.48 -15.23 -5.71
CA GLU A 114 10.13 -16.58 -6.18
C GLU A 114 9.41 -17.43 -5.14
N GLU A 115 9.63 -17.15 -3.86
CA GLU A 115 8.93 -17.90 -2.83
C GLU A 115 7.46 -17.46 -2.92
N VAL A 116 7.26 -16.15 -3.02
CA VAL A 116 5.92 -15.58 -3.10
C VAL A 116 5.23 -16.04 -4.37
N ALA A 117 5.95 -16.00 -5.48
CA ALA A 117 5.41 -16.41 -6.76
C ALA A 117 5.06 -17.89 -6.81
N SER A 118 5.68 -18.68 -5.94
CA SER A 118 5.44 -20.12 -5.89
C SER A 118 4.07 -20.44 -5.28
N THR A 119 3.55 -19.51 -4.47
CA THR A 119 2.27 -19.71 -3.83
C THR A 119 1.13 -19.95 -4.83
N GLY A 120 1.27 -19.42 -6.03
CA GLY A 120 0.25 -19.61 -7.05
C GLY A 120 0.06 -18.42 -7.97
N PRO A 121 -1.03 -18.42 -8.75
CA PRO A 121 -1.35 -17.34 -9.69
C PRO A 121 -1.92 -16.14 -8.95
N GLY A 122 -1.49 -14.96 -9.35
CA GLY A 122 -1.96 -13.74 -8.73
C GLY A 122 -1.16 -12.57 -9.25
N ILE A 123 -1.77 -11.39 -9.26
CA ILE A 123 -1.08 -10.20 -9.74
C ILE A 123 -0.39 -9.56 -8.55
N ARG A 124 0.91 -9.35 -8.68
CA ARG A 124 1.71 -8.79 -7.60
C ARG A 124 2.60 -7.70 -8.14
N PHE A 125 2.90 -6.72 -7.29
CA PHE A 125 3.78 -5.61 -7.64
C PHE A 125 4.99 -5.74 -6.74
N PHE A 126 6.14 -5.28 -7.18
CA PHE A 126 7.34 -5.38 -6.36
C PHE A 126 7.78 -3.98 -5.91
N GLN A 127 7.97 -3.80 -4.62
CA GLN A 127 8.41 -2.52 -4.11
C GLN A 127 9.92 -2.45 -4.06
N LEU A 128 10.47 -1.45 -4.75
CA LEU A 128 11.91 -1.25 -4.86
C LEU A 128 12.47 -0.15 -3.96
N TYR A 129 13.55 -0.49 -3.25
CA TYR A 129 14.30 0.44 -2.42
C TYR A 129 15.60 0.51 -3.18
N VAL A 130 16.01 1.71 -3.58
CA VAL A 130 17.24 1.87 -4.33
C VAL A 130 18.45 2.03 -3.44
N TYR A 131 19.34 1.06 -3.56
CA TYR A 131 20.59 1.03 -2.82
C TYR A 131 21.63 1.79 -3.61
N LYS A 132 22.72 2.16 -2.96
CA LYS A 132 23.77 2.91 -3.61
C LYS A 132 24.40 2.09 -4.73
N ASP A 133 24.55 0.79 -4.50
CA ASP A 133 25.14 -0.10 -5.50
C ASP A 133 24.07 -0.46 -6.51
N ARG A 134 24.07 0.26 -7.64
CA ARG A 134 23.10 0.02 -8.70
C ARG A 134 23.09 -1.44 -9.16
N ASN A 135 24.25 -2.10 -9.05
CA ASN A 135 24.38 -3.49 -9.44
C ASN A 135 23.37 -4.37 -8.71
N VAL A 136 23.16 -4.09 -7.43
CA VAL A 136 22.21 -4.84 -6.60
C VAL A 136 20.77 -4.53 -7.05
N VAL A 137 20.53 -3.28 -7.40
CA VAL A 137 19.20 -2.84 -7.84
C VAL A 137 18.80 -3.59 -9.12
N ALA A 138 19.71 -3.61 -10.09
CA ALA A 138 19.46 -4.31 -11.34
C ALA A 138 19.16 -5.78 -11.09
N GLN A 139 19.92 -6.40 -10.20
CA GLN A 139 19.72 -7.81 -9.86
C GLN A 139 18.33 -8.05 -9.31
N LEU A 140 17.88 -7.16 -8.41
CA LEU A 140 16.55 -7.26 -7.79
C LEU A 140 15.43 -7.10 -8.81
N VAL A 141 15.55 -6.11 -9.69
CA VAL A 141 14.53 -5.83 -10.71
C VAL A 141 14.33 -6.97 -11.71
N ARG A 142 15.43 -7.48 -12.26
CA ARG A 142 15.36 -8.58 -13.23
C ARG A 142 14.75 -9.80 -12.57
N ARG A 143 15.15 -10.04 -11.33
CA ARG A 143 14.66 -11.16 -10.55
C ARG A 143 13.13 -11.05 -10.35
N ALA A 144 12.63 -9.83 -10.19
CA ALA A 144 11.20 -9.61 -10.00
C ALA A 144 10.46 -9.87 -11.30
N GLU A 145 11.03 -9.43 -12.42
CA GLU A 145 10.41 -9.64 -13.73
C GLU A 145 10.30 -11.14 -13.99
N ARG A 146 11.40 -11.84 -13.72
CA ARG A 146 11.46 -13.28 -13.92
C ARG A 146 10.38 -13.98 -13.11
N ALA A 147 10.24 -13.58 -11.85
CA ALA A 147 9.25 -14.16 -10.96
C ALA A 147 7.80 -13.79 -11.32
N GLY A 148 7.63 -13.01 -12.39
CA GLY A 148 6.29 -12.63 -12.83
C GLY A 148 5.64 -11.41 -12.20
N PHE A 149 6.41 -10.54 -11.57
CA PHE A 149 5.84 -9.35 -10.97
C PHE A 149 5.48 -8.35 -12.07
N LYS A 150 4.31 -7.73 -11.94
CA LYS A 150 3.77 -6.81 -12.95
C LYS A 150 4.14 -5.33 -12.96
N ALA A 151 4.72 -4.81 -11.88
CA ALA A 151 5.09 -3.40 -11.83
C ALA A 151 6.02 -3.20 -10.68
N ILE A 152 6.75 -2.09 -10.72
CA ILE A 152 7.71 -1.76 -9.67
C ILE A 152 7.19 -0.52 -8.98
N ALA A 153 7.17 -0.53 -7.64
CA ALA A 153 6.75 0.65 -6.89
C ALA A 153 8.02 1.18 -6.27
N LEU A 154 8.46 2.33 -6.76
CA LEU A 154 9.67 2.95 -6.25
C LEU A 154 9.30 3.84 -5.07
N THR A 155 9.76 3.46 -3.88
CA THR A 155 9.48 4.21 -2.67
C THR A 155 10.45 5.38 -2.55
N VAL A 156 9.90 6.60 -2.41
CA VAL A 156 10.72 7.81 -2.33
C VAL A 156 10.55 8.59 -1.02
N ASP A 157 9.61 8.18 -0.18
CA ASP A 157 9.36 8.83 1.12
C ASP A 157 9.93 7.99 2.27
N THR A 158 10.99 7.25 1.98
CA THR A 158 11.65 6.38 2.95
C THR A 158 12.08 7.12 4.22
N PRO A 159 11.55 6.71 5.39
CA PRO A 159 11.92 7.37 6.64
C PRO A 159 13.40 7.21 6.95
N ARG A 160 13.97 8.19 7.64
CA ARG A 160 15.38 8.15 7.98
C ARG A 160 15.57 7.59 9.41
N LEU A 161 16.79 7.15 9.68
CA LEU A 161 17.21 6.60 10.99
C LEU A 161 16.96 5.08 11.09
N ILE A 168 15.40 0.81 20.47
CA ILE A 168 14.52 -0.25 19.89
C ILE A 168 15.37 -1.26 19.15
N LYS A 169 15.95 -0.84 18.04
CA LYS A 169 16.83 -1.68 17.22
C LYS A 169 17.92 -2.28 18.09
N ASN A 170 18.46 -1.48 19.00
CA ASN A 170 19.53 -1.91 19.89
C ASN A 170 19.03 -2.68 21.12
N ARG A 171 17.71 -2.76 21.27
CA ARG A 171 17.11 -3.45 22.41
C ARG A 171 16.34 -4.69 21.99
N PHE A 172 16.23 -4.90 20.68
CA PHE A 172 15.48 -6.03 20.16
C PHE A 172 16.40 -7.08 19.53
N VAL A 173 15.98 -8.34 19.59
CA VAL A 173 16.72 -9.45 18.99
C VAL A 173 15.69 -10.11 18.10
N LEU A 174 16.07 -10.38 16.86
CA LEU A 174 15.18 -11.00 15.91
C LEU A 174 15.11 -12.50 16.06
N PRO A 175 13.96 -13.10 15.70
CA PRO A 175 13.78 -14.54 15.79
C PRO A 175 14.80 -15.19 14.85
N PRO A 176 15.15 -16.46 15.10
CA PRO A 176 16.11 -17.14 14.24
C PRO A 176 15.61 -17.46 12.83
N PHE A 177 16.53 -17.38 11.88
CA PHE A 177 16.27 -17.68 10.47
C PHE A 177 15.53 -16.61 9.67
N LEU A 178 15.03 -15.58 10.34
CA LEU A 178 14.35 -14.50 9.63
C LEU A 178 15.39 -13.66 8.89
N THR A 179 15.37 -13.72 7.57
CA THR A 179 16.32 -12.92 6.80
C THR A 179 15.62 -12.19 5.68
N LEU A 180 16.33 -11.24 5.08
CA LEU A 180 15.81 -10.47 3.97
C LEU A 180 16.13 -11.36 2.75
N LYS A 181 15.22 -12.31 2.52
CA LYS A 181 15.36 -13.28 1.44
C LYS A 181 15.65 -12.76 0.05
N ASN A 182 15.12 -11.59 -0.29
CA ASN A 182 15.34 -11.02 -1.62
C ASN A 182 16.81 -10.70 -1.88
N PHE A 183 17.60 -10.59 -0.82
CA PHE A 183 19.01 -10.29 -0.96
C PHE A 183 19.87 -11.54 -0.84
N GLU A 184 19.23 -12.70 -0.75
CA GLU A 184 19.94 -13.97 -0.64
C GLU A 184 20.15 -14.51 -2.05
N GLY A 185 21.40 -14.60 -2.47
CA GLY A 185 21.70 -15.09 -3.81
C GLY A 185 22.35 -14.02 -4.65
N ILE A 186 21.79 -12.81 -4.61
CA ILE A 186 22.35 -11.70 -5.36
C ILE A 186 23.62 -11.29 -4.62
N ASP A 187 24.66 -10.92 -5.35
CA ASP A 187 25.92 -10.53 -4.73
C ASP A 187 25.97 -9.05 -4.38
N LEU A 188 26.24 -8.77 -3.11
CA LEU A 188 26.36 -7.40 -2.61
C LEU A 188 27.82 -7.19 -2.21
N GLY A 198 25.38 -9.41 11.89
CA GLY A 198 24.02 -9.84 11.47
C GLY A 198 23.55 -9.00 10.29
N LEU A 199 22.46 -9.44 9.66
CA LEU A 199 21.90 -8.73 8.51
C LEU A 199 21.15 -7.46 8.92
N SER A 200 21.06 -7.24 10.24
CA SER A 200 20.40 -6.07 10.80
C SER A 200 21.02 -4.82 10.19
N SER A 201 22.35 -4.74 10.28
CA SER A 201 23.11 -3.63 9.76
C SER A 201 23.42 -3.86 8.28
N TYR A 202 24.34 -3.05 7.76
CA TYR A 202 24.75 -3.11 6.35
C TYR A 202 23.65 -2.51 5.48
N VAL A 203 22.49 -3.19 5.45
CA VAL A 203 21.34 -2.73 4.68
C VAL A 203 20.89 -1.33 5.12
N ALA A 204 21.31 -0.95 6.32
CA ALA A 204 21.00 0.37 6.90
C ALA A 204 21.46 1.51 6.00
N GLY A 205 22.77 1.78 6.00
CA GLY A 205 23.31 2.84 5.17
C GLY A 205 23.47 2.42 3.73
N GLN A 206 22.53 1.62 3.23
CA GLN A 206 22.57 1.15 1.86
C GLN A 206 21.60 1.92 0.99
N ILE A 207 20.59 2.52 1.62
CA ILE A 207 19.60 3.30 0.90
C ILE A 207 20.30 4.54 0.34
N ASP A 208 20.10 4.78 -0.94
CA ASP A 208 20.71 5.90 -1.63
C ASP A 208 19.89 7.18 -1.51
N ARG A 209 20.37 8.12 -0.72
CA ARG A 209 19.67 9.38 -0.53
C ARG A 209 19.94 10.43 -1.61
N SER A 210 20.68 10.04 -2.64
CA SER A 210 20.99 10.94 -3.75
C SER A 210 20.03 10.65 -4.90
N LEU A 211 19.07 9.76 -4.65
CA LEU A 211 18.06 9.35 -5.62
C LEU A 211 17.37 10.58 -6.17
N SER A 212 17.28 10.65 -7.49
CA SER A 212 16.61 11.76 -8.16
C SER A 212 15.88 11.25 -9.39
N TRP A 213 15.16 12.15 -10.05
CA TRP A 213 14.40 11.81 -11.23
C TRP A 213 15.23 11.15 -12.33
N LYS A 214 16.51 11.46 -12.39
CA LYS A 214 17.37 10.86 -13.41
C LYS A 214 17.46 9.35 -13.15
N ASP A 215 17.26 8.96 -11.89
CA ASP A 215 17.30 7.56 -11.51
C ASP A 215 16.04 6.81 -11.93
N VAL A 216 14.98 7.56 -12.13
CA VAL A 216 13.72 6.99 -12.57
C VAL A 216 13.91 6.68 -14.07
N ALA A 217 14.64 7.56 -14.76
CA ALA A 217 14.92 7.40 -16.17
C ALA A 217 15.81 6.17 -16.41
N TRP A 218 16.79 5.99 -15.53
CA TRP A 218 17.69 4.86 -15.60
C TRP A 218 16.96 3.55 -15.33
N LEU A 219 16.06 3.57 -14.35
CA LEU A 219 15.29 2.38 -14.02
C LEU A 219 14.55 1.88 -15.25
N GLN A 220 14.03 2.80 -16.04
CA GLN A 220 13.28 2.43 -17.25
C GLN A 220 14.16 1.79 -18.32
N THR A 221 15.48 1.92 -18.21
CA THR A 221 16.34 1.30 -19.20
C THR A 221 16.65 -0.15 -18.85
N ILE A 222 16.47 -0.52 -17.59
CA ILE A 222 16.75 -1.90 -17.18
C ILE A 222 15.52 -2.80 -17.12
N THR A 223 14.33 -2.20 -17.19
CA THR A 223 13.10 -2.99 -17.16
C THR A 223 11.99 -2.32 -17.96
N SER A 224 11.06 -3.14 -18.43
CA SER A 224 9.93 -2.66 -19.20
C SER A 224 8.68 -2.60 -18.33
N LEU A 225 8.83 -3.02 -17.07
CA LEU A 225 7.72 -3.02 -16.11
C LEU A 225 7.34 -1.60 -15.72
N PRO A 226 6.03 -1.34 -15.54
CA PRO A 226 5.50 -0.03 -15.15
C PRO A 226 6.16 0.42 -13.86
N ILE A 227 6.59 1.67 -13.78
CA ILE A 227 7.21 2.18 -12.57
C ILE A 227 6.21 3.11 -11.87
N LEU A 228 5.84 2.80 -10.63
CA LEU A 228 4.91 3.64 -9.89
C LEU A 228 5.75 4.41 -8.88
N VAL A 229 5.51 5.71 -8.74
CA VAL A 229 6.28 6.51 -7.79
C VAL A 229 5.48 6.59 -6.48
N LYS A 230 6.04 5.98 -5.43
CA LYS A 230 5.41 5.89 -4.13
C LYS A 230 5.94 6.89 -3.11
N GLY A 231 5.10 7.86 -2.74
CA GLY A 231 5.54 8.84 -1.77
C GLY A 231 5.35 10.27 -2.21
N VAL A 232 4.40 10.50 -3.11
CA VAL A 232 4.10 11.84 -3.63
C VAL A 232 2.93 12.47 -2.90
N ILE A 233 3.06 13.73 -2.46
CA ILE A 233 1.96 14.42 -1.79
C ILE A 233 1.76 15.85 -2.29
N THR A 234 2.52 16.26 -3.30
CA THR A 234 2.38 17.60 -3.87
C THR A 234 2.04 17.53 -5.34
N ALA A 235 1.34 18.55 -5.84
CA ALA A 235 0.98 18.63 -7.25
C ALA A 235 2.26 18.78 -8.08
N GLU A 236 3.25 19.47 -7.51
CA GLU A 236 4.53 19.70 -8.18
C GLU A 236 5.27 18.44 -8.56
N ASP A 237 5.41 17.50 -7.62
CA ASP A 237 6.09 16.25 -7.93
C ASP A 237 5.23 15.32 -8.78
N ALA A 238 3.91 15.46 -8.68
CA ALA A 238 3.03 14.64 -9.49
C ALA A 238 3.29 14.95 -10.97
N ARG A 239 3.42 16.23 -11.29
CA ARG A 239 3.69 16.64 -12.68
C ARG A 239 5.00 16.05 -13.15
N LEU A 240 6.01 16.09 -12.29
CA LEU A 240 7.32 15.56 -12.60
C LEU A 240 7.25 14.06 -12.83
N ALA A 241 6.35 13.40 -12.11
CA ALA A 241 6.19 11.96 -12.24
C ALA A 241 5.72 11.66 -13.64
N VAL A 242 4.70 12.39 -14.08
CA VAL A 242 4.13 12.25 -15.42
C VAL A 242 5.20 12.60 -16.48
N GLN A 243 5.86 13.74 -16.32
CA GLN A 243 6.89 14.19 -17.25
C GLN A 243 8.06 13.22 -17.39
N HIS A 244 8.38 12.50 -16.32
CA HIS A 244 9.48 11.54 -16.37
C HIS A 244 9.09 10.11 -16.73
N GLY A 245 7.85 9.89 -17.14
CA GLY A 245 7.45 8.56 -17.54
C GLY A 245 7.02 7.55 -16.51
N ALA A 246 6.66 7.99 -15.30
CA ALA A 246 6.18 7.05 -14.29
C ALA A 246 4.82 6.56 -14.81
N ALA A 247 4.49 5.31 -14.51
CA ALA A 247 3.22 4.72 -14.94
C ALA A 247 2.06 4.96 -13.95
N GLY A 248 2.39 5.44 -12.77
CA GLY A 248 1.37 5.70 -11.77
C GLY A 248 1.97 6.41 -10.58
N ILE A 249 1.11 6.97 -9.76
CA ILE A 249 1.56 7.71 -8.59
C ILE A 249 0.82 7.13 -7.38
N ILE A 250 1.53 6.99 -6.26
CA ILE A 250 0.88 6.52 -5.04
C ILE A 250 1.04 7.67 -4.05
N VAL A 251 -0.08 8.35 -3.78
CA VAL A 251 -0.10 9.44 -2.82
C VAL A 251 0.12 8.75 -1.48
N SER A 252 1.26 9.02 -0.86
CA SER A 252 1.61 8.36 0.39
C SER A 252 2.50 9.22 1.28
N ASN A 253 2.46 8.94 2.59
CA ASN A 253 3.32 9.60 3.55
C ASN A 253 3.97 8.53 4.43
N HIS A 254 4.12 7.35 3.83
CA HIS A 254 4.74 6.18 4.44
C HIS A 254 4.04 5.78 5.74
N GLY A 255 2.71 5.87 5.77
CA GLY A 255 1.96 5.54 6.97
C GLY A 255 2.26 6.54 8.08
N ALA A 256 2.58 7.77 7.69
CA ALA A 256 2.90 8.85 8.61
C ALA A 256 4.13 8.58 9.47
N ARG A 257 5.08 7.86 8.88
CA ARG A 257 6.31 7.48 9.58
C ARG A 257 7.56 8.20 9.07
N GLN A 258 7.43 9.04 8.05
CA GLN A 258 8.60 9.72 7.54
C GLN A 258 8.88 11.09 8.16
N LEU A 259 7.86 11.96 8.16
CA LEU A 259 7.98 13.31 8.69
C LEU A 259 6.62 13.66 9.25
N ASP A 260 6.60 14.21 10.45
CA ASP A 260 5.34 14.58 11.07
C ASP A 260 4.92 15.95 10.56
N TYR A 261 3.63 16.20 10.64
CA TYR A 261 3.03 17.46 10.21
C TYR A 261 2.92 17.67 8.70
N VAL A 262 2.94 16.56 7.96
CA VAL A 262 2.70 16.64 6.54
C VAL A 262 1.19 16.34 6.54
N PRO A 263 0.47 16.76 5.49
CA PRO A 263 -0.96 16.48 5.52
C PRO A 263 -1.35 15.01 5.38
N ALA A 264 -2.60 14.71 5.73
CA ALA A 264 -3.15 13.37 5.59
C ALA A 264 -3.20 13.12 4.07
N THR A 265 -2.88 11.92 3.64
CA THR A 265 -2.89 11.61 2.21
C THR A 265 -4.25 11.89 1.55
N ILE A 266 -5.34 11.74 2.30
CA ILE A 266 -6.67 12.00 1.73
C ILE A 266 -6.91 13.50 1.54
N MET A 267 -6.14 14.33 2.25
CA MET A 267 -6.23 15.78 2.13
C MET A 267 -5.43 16.25 0.92
N ALA A 268 -4.35 15.54 0.64
CA ALA A 268 -3.47 15.84 -0.48
C ALA A 268 -3.90 15.23 -1.82
N LEU A 269 -4.70 14.17 -1.77
CA LEU A 269 -5.14 13.46 -2.99
C LEU A 269 -5.66 14.26 -4.16
N GLU A 270 -6.66 15.10 -3.94
CA GLU A 270 -7.27 15.87 -5.02
C GLU A 270 -6.29 16.73 -5.84
N GLU A 271 -5.39 17.45 -5.17
CA GLU A 271 -4.41 18.30 -5.84
C GLU A 271 -3.47 17.48 -6.76
N VAL A 272 -3.10 16.28 -6.30
CA VAL A 272 -2.23 15.40 -7.06
C VAL A 272 -3.00 14.80 -8.26
N VAL A 273 -4.27 14.46 -8.04
CA VAL A 273 -5.12 13.92 -9.10
C VAL A 273 -5.30 14.99 -10.20
N LYS A 274 -5.58 16.23 -9.77
CA LYS A 274 -5.74 17.36 -10.67
C LYS A 274 -4.51 17.56 -11.53
N ALA A 275 -3.35 17.61 -10.87
CA ALA A 275 -2.05 17.82 -11.52
C ALA A 275 -1.66 16.77 -12.56
N ALA A 276 -2.05 15.53 -12.32
CA ALA A 276 -1.73 14.45 -13.25
C ALA A 276 -2.55 14.56 -14.53
N GLN A 277 -3.67 15.28 -14.44
CA GLN A 277 -4.59 15.51 -15.56
C GLN A 277 -5.05 14.26 -16.27
N GLY A 278 -5.36 13.22 -15.51
CA GLY A 278 -5.82 11.97 -16.11
C GLY A 278 -4.82 11.17 -16.92
N ARG A 279 -3.55 11.59 -16.93
CA ARG A 279 -2.51 10.91 -17.69
C ARG A 279 -2.14 9.54 -17.14
N ILE A 280 -2.00 9.47 -15.83
CA ILE A 280 -1.66 8.21 -15.16
C ILE A 280 -2.54 8.06 -13.94
N PRO A 281 -2.77 6.82 -13.50
CA PRO A 281 -3.60 6.56 -12.32
C PRO A 281 -2.92 6.98 -11.03
N VAL A 282 -3.71 7.51 -10.11
CA VAL A 282 -3.20 7.96 -8.83
C VAL A 282 -3.83 7.02 -7.79
N PHE A 283 -3.00 6.51 -6.89
CA PHE A 283 -3.45 5.59 -5.84
C PHE A 283 -3.15 6.24 -4.50
N LEU A 284 -3.71 5.71 -3.43
CA LEU A 284 -3.51 6.27 -2.10
C LEU A 284 -3.39 5.22 -1.03
N ASP A 285 -2.57 5.51 -0.03
CA ASP A 285 -2.44 4.66 1.14
C ASP A 285 -2.28 5.61 2.32
N GLY A 286 -2.46 5.07 3.53
CA GLY A 286 -2.36 5.88 4.73
C GLY A 286 -3.74 6.09 5.34
N GLY A 287 -4.03 5.35 6.41
CA GLY A 287 -5.29 5.50 7.11
C GLY A 287 -6.54 4.85 6.56
N VAL A 288 -6.42 4.06 5.50
CA VAL A 288 -7.62 3.42 4.95
C VAL A 288 -7.95 2.20 5.80
N ARG A 289 -9.15 2.22 6.41
CA ARG A 289 -9.59 1.12 7.27
C ARG A 289 -11.01 0.63 6.98
N ARG A 290 -11.83 1.52 6.43
CA ARG A 290 -13.25 1.23 6.17
C ARG A 290 -13.65 1.36 4.71
N GLY A 291 -14.75 0.70 4.35
CA GLY A 291 -15.25 0.76 3.00
C GLY A 291 -15.67 2.16 2.63
N THR A 292 -16.05 2.95 3.62
CA THR A 292 -16.42 4.33 3.40
C THR A 292 -15.19 5.16 2.99
N ASP A 293 -14.03 4.78 3.53
CA ASP A 293 -12.77 5.48 3.24
C ASP A 293 -12.41 5.23 1.78
N VAL A 294 -12.66 4.01 1.31
CA VAL A 294 -12.36 3.64 -0.05
C VAL A 294 -13.21 4.47 -1.00
N PHE A 295 -14.51 4.53 -0.71
CA PHE A 295 -15.44 5.30 -1.53
C PHE A 295 -14.97 6.75 -1.61
N LYS A 296 -14.67 7.33 -0.45
CA LYS A 296 -14.23 8.71 -0.41
C LYS A 296 -12.98 8.96 -1.24
N ALA A 297 -12.04 8.02 -1.21
CA ALA A 297 -10.81 8.20 -1.99
C ALA A 297 -11.12 8.15 -3.49
N LEU A 298 -11.94 7.21 -3.90
CA LEU A 298 -12.32 7.07 -5.30
C LEU A 298 -13.09 8.29 -5.79
N ALA A 299 -13.95 8.85 -4.92
CA ALA A 299 -14.73 10.01 -5.31
C ALA A 299 -13.85 11.22 -5.54
N LEU A 300 -12.70 11.23 -4.86
CA LEU A 300 -11.73 12.31 -4.97
C LEU A 300 -10.78 12.09 -6.15
N GLY A 301 -10.92 10.97 -6.86
CA GLY A 301 -10.08 10.74 -8.01
C GLY A 301 -9.11 9.57 -8.01
N ALA A 302 -8.89 8.93 -6.86
CA ALA A 302 -7.98 7.80 -6.79
C ALA A 302 -8.51 6.63 -7.59
N ALA A 303 -7.60 5.88 -8.20
CA ALA A 303 -7.95 4.72 -8.99
C ALA A 303 -8.00 3.48 -8.10
N GLY A 304 -7.52 3.60 -6.88
CA GLY A 304 -7.52 2.46 -5.97
C GLY A 304 -6.76 2.82 -4.72
N VAL A 305 -6.84 1.97 -3.70
CA VAL A 305 -6.16 2.22 -2.43
C VAL A 305 -5.36 1.01 -1.98
N PHE A 306 -4.33 1.27 -1.17
CA PHE A 306 -3.49 0.22 -0.61
C PHE A 306 -3.64 0.28 0.90
N ILE A 307 -3.63 -0.87 1.55
CA ILE A 307 -3.73 -0.92 3.01
C ILE A 307 -2.42 -1.51 3.52
N GLY A 308 -1.86 -0.91 4.57
CA GLY A 308 -0.61 -1.42 5.12
C GLY A 308 -0.81 -2.14 6.44
N ARG A 309 -0.86 -1.38 7.54
CA ARG A 309 -1.02 -1.91 8.89
C ARG A 309 -2.10 -2.98 9.14
N PRO A 310 -3.32 -2.82 8.58
CA PRO A 310 -4.34 -3.82 8.82
C PRO A 310 -3.86 -5.23 8.46
N VAL A 311 -3.01 -5.30 7.44
CA VAL A 311 -2.44 -6.54 6.97
C VAL A 311 -1.58 -7.22 8.03
N VAL A 312 -0.65 -6.46 8.65
CA VAL A 312 0.22 -7.03 9.68
C VAL A 312 -0.54 -7.36 10.97
N PHE A 313 -1.53 -6.54 11.32
CA PHE A 313 -2.32 -6.75 12.53
C PHE A 313 -3.18 -8.02 12.42
N SER A 314 -3.88 -8.19 11.30
CA SER A 314 -4.72 -9.37 11.10
C SER A 314 -3.88 -10.65 10.94
N LEU A 315 -2.70 -10.50 10.35
CA LEU A 315 -1.77 -11.60 10.12
C LEU A 315 -1.30 -12.11 11.50
N ALA A 316 -1.01 -11.17 12.39
CA ALA A 316 -0.56 -11.49 13.74
C ALA A 316 -1.71 -12.17 14.48
N ALA A 317 -2.92 -11.68 14.25
CA ALA A 317 -4.13 -12.21 14.87
C ALA A 317 -4.56 -13.60 14.38
N GLU A 318 -4.92 -13.73 13.11
CA GLU A 318 -5.38 -15.02 12.58
C GLU A 318 -4.67 -15.53 11.36
N GLY A 319 -3.50 -14.99 11.05
CA GLY A 319 -2.77 -15.42 9.88
C GLY A 319 -3.47 -15.14 8.57
N GLU A 320 -3.43 -16.10 7.66
CA GLU A 320 -4.05 -15.99 6.34
C GLU A 320 -5.53 -15.74 6.45
N ALA A 321 -6.15 -16.35 7.47
CA ALA A 321 -7.58 -16.19 7.71
C ALA A 321 -7.90 -14.75 8.09
N GLY A 322 -6.98 -14.13 8.84
CA GLY A 322 -7.16 -12.75 9.26
C GLY A 322 -7.05 -11.79 8.10
N VAL A 323 -6.06 -12.02 7.24
CA VAL A 323 -5.87 -11.18 6.08
C VAL A 323 -7.07 -11.28 5.12
N LYS A 324 -7.56 -12.49 4.90
CA LYS A 324 -8.72 -12.67 4.04
C LYS A 324 -9.96 -11.98 4.61
N LYS A 325 -10.10 -12.01 5.93
CA LYS A 325 -11.23 -11.39 6.60
C LYS A 325 -11.20 -9.88 6.44
N VAL A 326 -10.00 -9.30 6.55
CA VAL A 326 -9.87 -7.86 6.39
C VAL A 326 -10.36 -7.43 5.02
N LEU A 327 -9.85 -8.12 4.00
CA LEU A 327 -10.21 -7.85 2.62
C LEU A 327 -11.71 -8.02 2.40
N GLN A 328 -12.30 -9.04 3.03
CA GLN A 328 -13.72 -9.28 2.88
C GLN A 328 -14.54 -8.19 3.55
N MET A 329 -14.19 -7.87 4.79
CA MET A 329 -14.90 -6.83 5.52
C MET A 329 -14.88 -5.52 4.74
N MET A 330 -13.71 -5.15 4.23
CA MET A 330 -13.58 -3.94 3.46
C MET A 330 -14.42 -3.98 2.19
N ARG A 331 -14.45 -5.13 1.53
CA ARG A 331 -15.24 -5.30 0.31
C ARG A 331 -16.72 -5.11 0.57
N ASP A 332 -17.22 -5.78 1.60
CA ASP A 332 -18.64 -5.72 1.99
C ASP A 332 -19.07 -4.33 2.43
N GLU A 333 -18.19 -3.63 3.14
CA GLU A 333 -18.49 -2.28 3.58
C GLU A 333 -18.49 -1.35 2.38
N PHE A 334 -17.53 -1.52 1.49
CA PHE A 334 -17.44 -0.70 0.28
C PHE A 334 -18.65 -0.90 -0.62
N GLU A 335 -19.09 -2.16 -0.74
CA GLU A 335 -20.25 -2.49 -1.55
C GLU A 335 -21.51 -1.85 -1.02
N LEU A 336 -21.69 -1.90 0.30
CA LEU A 336 -22.86 -1.31 0.94
C LEU A 336 -22.87 0.21 0.80
N THR A 337 -21.68 0.83 0.88
CA THR A 337 -21.54 2.28 0.74
C THR A 337 -21.97 2.71 -0.68
N MET A 338 -21.60 1.92 -1.67
CA MET A 338 -21.98 2.21 -3.05
C MET A 338 -23.49 2.11 -3.20
N ALA A 339 -24.08 1.05 -2.68
CA ALA A 339 -25.52 0.85 -2.76
C ALA A 339 -26.26 2.01 -2.11
N LEU A 340 -25.81 2.44 -0.92
CA LEU A 340 -26.46 3.54 -0.22
C LEU A 340 -26.24 4.92 -0.84
N SER A 341 -25.17 5.08 -1.61
CA SER A 341 -24.88 6.37 -2.26
C SER A 341 -25.50 6.46 -3.64
N GLY A 342 -26.00 5.34 -4.15
CA GLY A 342 -26.61 5.31 -5.46
C GLY A 342 -25.64 5.01 -6.59
N CYS A 343 -24.59 4.24 -6.30
CA CYS A 343 -23.57 3.87 -7.29
C CYS A 343 -23.52 2.37 -7.60
N ARG A 344 -23.67 2.04 -8.88
CA ARG A 344 -23.67 0.66 -9.35
C ARG A 344 -22.33 0.18 -9.91
N SER A 345 -21.43 1.11 -10.18
CA SER A 345 -20.11 0.77 -10.70
C SER A 345 -19.19 1.87 -10.22
N LEU A 346 -17.88 1.60 -10.29
CA LEU A 346 -16.87 2.55 -9.86
C LEU A 346 -16.94 3.81 -10.72
N LYS A 347 -17.28 3.62 -11.99
CA LYS A 347 -17.42 4.70 -12.96
C LYS A 347 -18.50 5.71 -12.54
N GLU A 348 -19.46 5.25 -11.75
CA GLU A 348 -20.54 6.11 -11.28
C GLU A 348 -20.25 6.87 -9.99
N ILE A 349 -19.11 6.59 -9.37
CA ILE A 349 -18.74 7.28 -8.13
C ILE A 349 -18.17 8.66 -8.54
N SER A 350 -18.89 9.71 -8.19
CA SER A 350 -18.44 11.05 -8.56
C SER A 350 -17.99 11.94 -7.43
N ARG A 351 -17.25 12.97 -7.80
CA ARG A 351 -16.74 13.97 -6.87
C ARG A 351 -17.91 14.64 -6.17
N SER A 352 -19.07 14.67 -6.82
CA SER A 352 -20.26 15.28 -6.23
C SER A 352 -20.97 14.35 -5.25
N HIS A 353 -20.46 13.13 -5.10
CA HIS A 353 -21.03 12.16 -4.18
C HIS A 353 -20.53 12.34 -2.74
N ILE A 354 -19.62 13.29 -2.54
CA ILE A 354 -19.09 13.61 -1.22
C ILE A 354 -19.03 15.13 -1.07
N ALA A 355 -18.84 15.60 0.16
CA ALA A 355 -18.73 17.03 0.44
C ALA A 355 -17.50 17.14 1.32
N ALA A 356 -16.36 17.45 0.71
CA ALA A 356 -15.10 17.56 1.44
C ALA A 356 -15.16 18.73 2.41
N ASP A 357 -14.34 18.64 3.44
CA ASP A 357 -14.26 19.66 4.48
C ASP A 357 -14.12 21.07 3.92
N TRP A 358 -13.52 21.18 2.73
CA TRP A 358 -13.30 22.47 2.07
C TRP A 358 -14.37 22.78 1.01
N ASP A 359 -15.47 22.04 1.05
CA ASP A 359 -16.57 22.22 0.11
C ASP A 359 -17.74 22.89 0.85
#